data_8P9R
#
_entry.id   8P9R
#
_cell.length_a   49.360
_cell.length_b   49.360
_cell.length_c   63.940
_cell.angle_alpha   90.00
_cell.angle_beta   90.00
_cell.angle_gamma   90.00
#
_symmetry.space_group_name_H-M   'P 41'
#
loop_
_entity.id
_entity.type
_entity.pdbx_description
1 polymer 'Biopolymer transport protein ExbD'
2 polymer 'Protein TonB'
3 water water
#
loop_
_entity_poly.entity_id
_entity_poly.type
_entity_poly.pdbx_seq_one_letter_code
_entity_poly.pdbx_strand_id
1 'polypeptide(L)'
;SEKPVYLSVKADNSMFIGNDPVTDETMITALNALTEGKKDTTIFFRADKTVDYETLMKVMDTLHQAGYLKIGLVGEETAK
AK
;
A,B
2 'polypeptide(L)' KKAQPISVTMVTPADLEPPQAKK C
#
# COMPACT_ATOMS: atom_id res chain seq x y z
N GLU A 2 -4.85 -22.13 1.65
CA GLU A 2 -4.33 -21.13 0.73
C GLU A 2 -3.04 -20.52 1.26
N LYS A 3 -1.91 -21.14 0.95
CA LYS A 3 -0.63 -20.57 1.38
C LYS A 3 -0.47 -19.17 0.79
N PRO A 4 -0.14 -18.17 1.60
CA PRO A 4 0.03 -16.83 1.07
C PRO A 4 1.12 -16.75 0.02
N VAL A 5 0.94 -15.81 -0.90
CA VAL A 5 1.82 -15.58 -2.03
C VAL A 5 2.60 -14.30 -1.79
N TYR A 6 3.91 -14.34 -2.00
CA TYR A 6 4.77 -13.18 -1.82
C TYR A 6 5.12 -12.61 -3.19
N LEU A 7 4.70 -11.37 -3.44
CA LEU A 7 5.01 -10.65 -4.66
C LEU A 7 6.08 -9.64 -4.31
N SER A 8 7.23 -9.71 -5.00
CA SER A 8 8.37 -8.86 -4.73
C SER A 8 8.65 -7.95 -5.93
N VAL A 9 8.91 -6.68 -5.66
CA VAL A 9 9.32 -5.72 -6.70
C VAL A 9 10.72 -5.22 -6.36
N LYS A 10 11.64 -5.36 -7.31
CA LYS A 10 13.03 -4.97 -7.20
C LYS A 10 13.19 -3.48 -7.50
N ALA A 11 14.35 -2.95 -7.09
CA ALA A 11 14.65 -1.54 -7.35
C ALA A 11 14.68 -1.21 -8.84
N ASP A 12 15.03 -2.16 -9.69
CA ASP A 12 14.98 -1.93 -11.14
C ASP A 12 13.61 -2.23 -11.72
N ASN A 13 12.60 -2.42 -10.87
CA ASN A 13 11.21 -2.67 -11.20
C ASN A 13 10.96 -4.07 -11.73
N SER A 14 11.95 -4.97 -11.69
CA SER A 14 11.67 -6.36 -11.98
C SER A 14 10.82 -6.96 -10.86
N MET A 15 9.99 -7.94 -11.23
CA MET A 15 8.93 -8.41 -10.36
C MET A 15 8.94 -9.92 -10.25
N PHE A 16 8.51 -10.42 -9.09
CA PHE A 16 8.55 -11.86 -8.84
C PHE A 16 7.29 -12.28 -8.08
N ILE A 17 6.75 -13.45 -8.43
CA ILE A 17 5.73 -14.15 -7.64
C ILE A 17 6.47 -15.31 -7.00
N GLY A 18 6.65 -15.26 -5.69
CA GLY A 18 7.61 -16.13 -5.04
C GLY A 18 8.98 -15.94 -5.64
N ASN A 19 9.46 -16.97 -6.33
CA ASN A 19 10.74 -17.00 -7.03
C ASN A 19 10.60 -16.81 -8.53
N ASP A 20 9.37 -16.68 -9.02
CA ASP A 20 9.07 -16.75 -10.45
C ASP A 20 9.09 -15.34 -11.02
N PRO A 21 9.98 -15.02 -11.97
CA PRO A 21 9.91 -13.68 -12.59
C PRO A 21 8.59 -13.51 -13.33
N VAL A 22 7.99 -12.33 -13.18
CA VAL A 22 6.72 -12.00 -13.81
C VAL A 22 6.81 -10.59 -14.37
N THR A 23 5.94 -10.31 -15.34
CA THR A 23 5.69 -8.97 -15.86
C THR A 23 4.23 -8.63 -15.64
N ASP A 24 3.85 -7.38 -15.96
CA ASP A 24 2.44 -7.01 -15.85
C ASP A 24 1.56 -7.93 -16.68
N GLU A 25 2.06 -8.38 -17.83
CA GLU A 25 1.28 -9.19 -18.76
C GLU A 25 1.19 -10.65 -18.33
N THR A 26 2.09 -11.13 -17.47
CA THR A 26 2.11 -12.54 -17.11
C THR A 26 1.78 -12.78 -15.64
N MET A 27 1.65 -11.72 -14.84
CA MET A 27 1.47 -11.82 -13.39
C MET A 27 0.26 -12.68 -13.02
N ILE A 28 -0.88 -12.42 -13.64
CA ILE A 28 -2.10 -13.09 -13.16
C ILE A 28 -2.09 -14.57 -13.54
N THR A 29 -1.56 -14.91 -14.72
CA THR A 29 -1.42 -16.32 -15.06
C THR A 29 -0.50 -17.04 -14.07
N ALA A 30 0.63 -16.40 -13.76
CA ALA A 30 1.57 -17.01 -12.81
C ALA A 30 0.94 -17.14 -11.44
N LEU A 31 0.24 -16.10 -10.99
CA LEU A 31 -0.44 -16.16 -9.70
C LEU A 31 -1.50 -17.26 -9.66
N ASN A 32 -2.26 -17.41 -10.74
CA ASN A 32 -3.35 -18.39 -10.73
C ASN A 32 -2.82 -19.81 -10.62
N ALA A 33 -1.58 -20.05 -11.08
CA ALA A 33 -0.98 -21.37 -10.93
C ALA A 33 -0.75 -21.70 -9.46
N LEU A 34 -0.36 -20.70 -8.66
CA LEU A 34 -0.18 -20.95 -7.24
C LEU A 34 -1.51 -21.01 -6.51
N THR A 35 -2.42 -20.07 -6.79
CA THR A 35 -3.66 -19.96 -6.04
C THR A 35 -4.74 -20.91 -6.51
N GLU A 36 -4.58 -21.51 -7.70
CA GLU A 36 -5.63 -22.29 -8.34
C GLU A 36 -6.91 -21.47 -8.49
N GLY A 37 -6.76 -20.15 -8.68
CA GLY A 37 -7.89 -19.29 -8.86
C GLY A 37 -8.55 -18.85 -7.57
N LYS A 38 -8.01 -19.20 -6.42
CA LYS A 38 -8.63 -18.87 -5.14
C LYS A 38 -8.33 -17.39 -4.84
N LYS A 39 -9.31 -16.53 -5.10
CA LYS A 39 -9.11 -15.09 -4.93
C LYS A 39 -8.98 -14.65 -3.49
N ASP A 40 -9.39 -15.50 -2.53
CA ASP A 40 -9.23 -15.22 -1.11
C ASP A 40 -7.81 -15.48 -0.61
N THR A 41 -6.92 -15.94 -1.47
CA THR A 41 -5.53 -16.13 -1.07
C THR A 41 -4.90 -14.80 -0.68
N THR A 42 -4.22 -14.79 0.46
CA THR A 42 -3.50 -13.59 0.89
C THR A 42 -2.28 -13.36 0.00
N ILE A 43 -2.13 -12.10 -0.46
CA ILE A 43 -0.97 -11.69 -1.25
C ILE A 43 -0.18 -10.68 -0.43
N PHE A 44 1.09 -10.97 -0.17
CA PHE A 44 1.96 -10.08 0.56
C PHE A 44 2.88 -9.38 -0.43
N PHE A 45 2.88 -8.07 -0.40
CA PHE A 45 3.70 -7.26 -1.30
C PHE A 45 4.95 -6.77 -0.58
N ARG A 46 6.11 -7.00 -1.17
CA ARG A 46 7.36 -6.48 -0.65
C ARG A 46 8.08 -5.76 -1.77
N ALA A 47 8.89 -4.76 -1.41
CA ALA A 47 9.53 -4.00 -2.46
C ALA A 47 10.81 -3.38 -1.92
N ASP A 48 11.76 -3.17 -2.82
CA ASP A 48 12.92 -2.36 -2.45
C ASP A 48 12.49 -0.96 -2.03
N LYS A 49 13.27 -0.36 -1.14
CA LYS A 49 12.95 0.97 -0.60
C LYS A 49 12.69 2.01 -1.68
N THR A 50 13.37 1.91 -2.82
CA THR A 50 13.30 2.96 -3.83
C THR A 50 12.20 2.74 -4.85
N VAL A 51 11.45 1.64 -4.74
CA VAL A 51 10.32 1.41 -5.65
C VAL A 51 9.30 2.51 -5.43
N ASP A 52 8.77 3.05 -6.53
CA ASP A 52 7.95 4.25 -6.42
C ASP A 52 6.45 3.90 -6.44
N TYR A 53 5.68 4.89 -6.02
CA TYR A 53 4.25 4.69 -5.80
C TYR A 53 3.55 4.33 -7.09
N GLU A 54 3.98 4.95 -8.21
CA GLU A 54 3.44 4.59 -9.52
C GLU A 54 3.56 3.09 -9.77
N THR A 55 4.74 2.53 -9.50
CA THR A 55 4.96 1.11 -9.73
C THR A 55 4.12 0.27 -8.78
N LEU A 56 4.12 0.62 -7.48
CA LEU A 56 3.29 -0.10 -6.52
C LEU A 56 1.84 -0.14 -6.99
N MET A 57 1.34 1.01 -7.43
CA MET A 57 -0.09 1.10 -7.69
C MET A 57 -0.46 0.40 -9.01
N LYS A 58 0.49 0.31 -9.95
CA LYS A 58 0.25 -0.47 -11.16
C LYS A 58 0.10 -1.95 -10.81
N VAL A 59 0.98 -2.45 -9.95
CA VAL A 59 0.87 -3.84 -9.47
C VAL A 59 -0.45 -4.04 -8.72
N MET A 60 -0.76 -3.12 -7.80
CA MET A 60 -1.98 -3.22 -7.03
C MET A 60 -3.20 -3.27 -7.96
N ASP A 61 -3.18 -2.45 -9.01
CA ASP A 61 -4.34 -2.40 -9.90
C ASP A 61 -4.48 -3.68 -10.70
N THR A 62 -3.37 -4.28 -11.12
CA THR A 62 -3.46 -5.54 -11.84
C THR A 62 -4.08 -6.63 -10.97
N LEU A 63 -3.63 -6.72 -9.72
CA LEU A 63 -4.21 -7.67 -8.78
C LEU A 63 -5.69 -7.37 -8.56
N HIS A 64 -6.01 -6.10 -8.31
CA HIS A 64 -7.38 -5.66 -8.00
C HIS A 64 -8.35 -6.04 -9.12
N GLN A 65 -7.99 -5.75 -10.36
CA GLN A 65 -8.88 -6.00 -11.48
C GLN A 65 -9.09 -7.50 -11.69
N ALA A 66 -8.13 -8.33 -11.28
CA ALA A 66 -8.25 -9.78 -11.35
C ALA A 66 -9.00 -10.35 -10.14
N GLY A 67 -9.41 -9.51 -9.20
CA GLY A 67 -10.16 -9.99 -8.06
C GLY A 67 -9.32 -10.38 -6.86
N TYR A 68 -8.03 -10.08 -6.86
CA TYR A 68 -7.19 -10.40 -5.70
C TYR A 68 -7.20 -9.19 -4.77
N LEU A 69 -8.00 -9.30 -3.70
CA LEU A 69 -8.29 -8.16 -2.84
C LEU A 69 -7.77 -8.33 -1.42
N LYS A 70 -7.11 -9.44 -1.10
CA LYS A 70 -6.58 -9.65 0.24
C LYS A 70 -5.08 -9.36 0.19
N ILE A 71 -4.72 -8.11 0.43
CA ILE A 71 -3.38 -7.61 0.18
C ILE A 71 -2.77 -7.11 1.48
N GLY A 72 -1.56 -7.56 1.79
CA GLY A 72 -0.82 -7.03 2.92
C GLY A 72 0.50 -6.45 2.45
N LEU A 73 0.81 -5.23 2.87
CA LEU A 73 2.10 -4.63 2.53
C LEU A 73 3.11 -4.98 3.60
N VAL A 74 4.29 -5.45 3.18
CA VAL A 74 5.36 -5.85 4.09
C VAL A 74 6.47 -4.82 4.02
N GLY A 75 6.88 -4.31 5.19
CA GLY A 75 7.94 -3.31 5.25
C GLY A 75 9.26 -3.87 5.75
N GLN B 4 -11.80 3.24 -6.83
CA GLN B 4 -10.34 3.26 -6.95
C GLN B 4 -9.47 2.79 -5.74
N PRO B 5 -9.94 2.87 -4.49
CA PRO B 5 -9.03 2.56 -3.38
C PRO B 5 -8.67 1.08 -3.33
N ILE B 6 -7.46 0.81 -2.85
CA ILE B 6 -6.99 -0.54 -2.61
C ILE B 6 -6.78 -0.66 -1.09
N SER B 7 -7.63 -1.43 -0.44
CA SER B 7 -7.47 -1.69 0.99
C SER B 7 -6.22 -2.50 1.22
N VAL B 8 -5.42 -2.09 2.19
CA VAL B 8 -4.23 -2.84 2.56
C VAL B 8 -4.14 -3.02 4.07
N THR B 9 -3.62 -4.18 4.46
CA THR B 9 -3.09 -4.43 5.79
C THR B 9 -1.60 -4.18 5.69
N MET B 10 -1.00 -3.71 6.76
CA MET B 10 0.44 -3.78 6.93
C MET B 10 0.73 -4.97 7.82
N VAL B 11 1.71 -5.80 7.45
CA VAL B 11 2.10 -6.92 8.30
C VAL B 11 3.59 -6.87 8.57
N THR B 12 3.97 -7.22 9.81
CA THR B 12 5.36 -7.29 10.24
C THR B 12 5.51 -8.15 11.49
N LYS C 3 -16.13 11.22 8.63
CA LYS C 3 -15.66 11.57 7.29
C LYS C 3 -14.25 11.06 7.04
N PRO C 4 -14.03 10.45 5.88
CA PRO C 4 -12.68 9.96 5.54
C PRO C 4 -11.67 11.08 5.54
N VAL C 5 -10.43 10.72 5.86
CA VAL C 5 -9.32 11.66 5.94
C VAL C 5 -8.35 11.33 4.81
N TYR C 6 -7.92 12.35 4.07
CA TYR C 6 -7.01 12.18 2.96
C TYR C 6 -5.60 12.58 3.41
N LEU C 7 -4.68 11.64 3.38
CA LEU C 7 -3.28 11.88 3.71
C LEU C 7 -2.50 11.91 2.41
N SER C 8 -1.83 13.03 2.13
CA SER C 8 -1.12 13.25 0.88
C SER C 8 0.38 13.32 1.14
N VAL C 9 1.17 12.68 0.28
CA VAL C 9 2.63 12.78 0.35
C VAL C 9 3.11 13.31 -1.00
N LYS C 10 3.87 14.40 -0.97
CA LYS C 10 4.36 15.00 -2.20
C LYS C 10 5.73 14.43 -2.54
N ALA C 11 6.19 14.75 -3.76
CA ALA C 11 7.45 14.18 -4.26
C ALA C 11 8.66 14.60 -3.43
N ASP C 12 8.64 15.78 -2.80
CA ASP C 12 9.72 16.14 -1.90
C ASP C 12 9.57 15.53 -0.52
N ASN C 13 8.56 14.65 -0.36
CA ASN C 13 8.22 13.94 0.87
C ASN C 13 7.52 14.81 1.91
N SER C 14 7.13 16.04 1.56
CA SER C 14 6.25 16.80 2.44
C SER C 14 4.88 16.13 2.50
N MET C 15 4.21 16.29 3.64
CA MET C 15 3.06 15.47 4.02
C MET C 15 1.91 16.37 4.44
N PHE C 16 0.68 15.94 4.13
CA PHE C 16 -0.51 16.71 4.50
C PHE C 16 -1.62 15.81 4.99
N ILE C 17 -2.38 16.29 5.98
CA ILE C 17 -3.65 15.71 6.37
C ILE C 17 -4.72 16.70 5.96
N GLY C 18 -5.53 16.34 4.99
CA GLY C 18 -6.34 17.33 4.30
C GLY C 18 -5.40 18.36 3.69
N ASN C 19 -5.57 19.62 4.09
CA ASN C 19 -4.72 20.70 3.63
C ASN C 19 -3.67 21.11 4.67
N ASP C 20 -3.53 20.33 5.74
CA ASP C 20 -2.74 20.71 6.90
C ASP C 20 -1.36 20.06 6.84
N PRO C 21 -0.26 20.81 6.77
CA PRO C 21 1.05 20.15 6.74
C PRO C 21 1.36 19.40 8.03
N VAL C 22 1.92 18.20 7.89
CA VAL C 22 2.30 17.37 9.02
C VAL C 22 3.68 16.79 8.77
N THR C 23 4.32 16.36 9.86
CA THR C 23 5.52 15.52 9.81
C THR C 23 5.22 14.23 10.54
N ASP C 24 6.20 13.32 10.53
CA ASP C 24 6.06 12.07 11.27
C ASP C 24 5.72 12.33 12.73
N GLU C 25 6.31 13.37 13.32
CA GLU C 25 6.16 13.64 14.74
C GLU C 25 4.85 14.33 15.09
N THR C 26 4.16 14.93 14.11
CA THR C 26 2.94 15.68 14.40
C THR C 26 1.70 15.07 13.76
N MET C 27 1.85 14.03 12.93
CA MET C 27 0.76 13.47 12.14
C MET C 27 -0.38 12.94 13.00
N ILE C 28 -0.06 12.21 14.07
CA ILE C 28 -1.13 11.57 14.84
C ILE C 28 -1.94 12.61 15.61
N THR C 29 -1.28 13.62 16.17
CA THR C 29 -2.02 14.72 16.81
C THR C 29 -2.95 15.41 15.81
N ALA C 30 -2.43 15.71 14.62
CA ALA C 30 -3.26 16.36 13.60
C ALA C 30 -4.43 15.48 13.20
N LEU C 31 -4.17 14.18 13.00
CA LEU C 31 -5.23 13.26 12.62
C LEU C 31 -6.29 13.16 13.70
N ASN C 32 -5.87 13.12 14.97
CA ASN C 32 -6.82 12.98 16.07
C ASN C 32 -7.75 14.19 16.17
N ALA C 33 -7.29 15.37 15.72
CA ALA C 33 -8.16 16.54 15.72
C ALA C 33 -9.32 16.34 14.74
N LEU C 34 -9.06 15.70 13.61
CA LEU C 34 -10.09 15.44 12.62
C LEU C 34 -11.00 14.30 13.05
N THR C 35 -10.41 13.20 13.51
CA THR C 35 -11.15 11.98 13.82
C THR C 35 -11.72 11.98 15.22
N GLU C 36 -11.36 12.94 16.08
CA GLU C 36 -11.75 12.91 17.49
C GLU C 36 -11.38 11.58 18.13
N GLY C 37 -10.30 10.94 17.62
CA GLY C 37 -9.88 9.68 18.16
C GLY C 37 -10.60 8.45 17.61
N LYS C 38 -11.53 8.61 16.67
CA LYS C 38 -12.22 7.43 16.15
C LYS C 38 -11.27 6.68 15.22
N LYS C 39 -10.75 5.55 15.70
CA LYS C 39 -9.76 4.79 14.95
C LYS C 39 -10.37 4.03 13.77
N ASP C 40 -11.69 3.88 13.73
CA ASP C 40 -12.38 3.29 12.59
C ASP C 40 -12.55 4.27 11.44
N THR C 41 -12.00 5.48 11.55
CA THR C 41 -12.10 6.44 10.46
C THR C 41 -11.29 5.98 9.26
N THR C 42 -11.87 6.05 8.08
CA THR C 42 -11.16 5.66 6.86
C THR C 42 -10.07 6.69 6.53
N ILE C 43 -8.85 6.20 6.29
CA ILE C 43 -7.72 7.03 5.85
C ILE C 43 -7.39 6.65 4.40
N PHE C 44 -7.47 7.62 3.50
CA PHE C 44 -7.09 7.44 2.10
C PHE C 44 -5.71 8.05 1.90
N PHE C 45 -4.79 7.24 1.38
CA PHE C 45 -3.42 7.67 1.16
C PHE C 45 -3.23 8.00 -0.32
N ARG C 46 -2.69 9.19 -0.59
CA ARG C 46 -2.43 9.64 -1.95
C ARG C 46 -0.98 10.10 -1.99
N ALA C 47 -0.31 9.88 -3.12
CA ALA C 47 1.08 10.27 -3.19
C ALA C 47 1.44 10.57 -4.63
N ASP C 48 2.39 11.48 -4.82
CA ASP C 48 2.90 11.63 -6.17
C ASP C 48 3.63 10.37 -6.60
N LYS C 49 3.71 10.20 -7.92
CA LYS C 49 4.18 8.96 -8.52
C LYS C 49 5.57 8.57 -8.06
N THR C 50 6.43 9.56 -7.76
CA THR C 50 7.83 9.25 -7.45
C THR C 50 8.07 8.98 -5.96
N VAL C 51 7.03 9.08 -5.12
CA VAL C 51 7.20 8.79 -3.70
C VAL C 51 7.57 7.32 -3.56
N ASP C 52 8.55 7.04 -2.71
CA ASP C 52 9.11 5.69 -2.68
C ASP C 52 8.51 4.85 -1.55
N TYR C 53 8.75 3.55 -1.68
CA TYR C 53 8.10 2.57 -0.80
C TYR C 53 8.53 2.77 0.65
N GLU C 54 9.81 3.09 0.86
CA GLU C 54 10.28 3.40 2.21
C GLU C 54 9.44 4.51 2.84
N THR C 55 9.18 5.59 2.09
CA THR C 55 8.38 6.68 2.64
C THR C 55 6.95 6.23 2.91
N LEU C 56 6.33 5.55 1.95
CA LEU C 56 4.99 5.02 2.16
C LEU C 56 4.92 4.21 3.44
N MET C 57 5.85 3.27 3.62
CA MET C 57 5.74 2.35 4.75
C MET C 57 6.06 3.04 6.07
N LYS C 58 6.87 4.09 6.05
CA LYS C 58 7.06 4.91 7.25
C LYS C 58 5.74 5.53 7.69
N VAL C 59 5.01 6.13 6.73
CA VAL C 59 3.71 6.71 7.02
C VAL C 59 2.75 5.64 7.49
N MET C 60 2.69 4.52 6.76
CA MET C 60 1.79 3.43 7.12
C MET C 60 2.07 2.95 8.54
N ASP C 61 3.35 2.83 8.91
CA ASP C 61 3.69 2.33 10.24
C ASP C 61 3.28 3.31 11.33
N THR C 62 3.42 4.62 11.09
CA THR C 62 2.99 5.58 12.09
C THR C 62 1.49 5.49 12.34
N LEU C 63 0.71 5.38 11.27
CA LEU C 63 -0.73 5.18 11.44
C LEU C 63 -1.02 3.88 12.15
N HIS C 64 -0.38 2.79 11.70
CA HIS C 64 -0.62 1.46 12.24
C HIS C 64 -0.38 1.40 13.74
N GLN C 65 0.75 1.95 14.20
CA GLN C 65 1.07 1.89 15.62
C GLN C 65 0.12 2.72 16.46
N ALA C 66 -0.53 3.72 15.86
CA ALA C 66 -1.53 4.54 16.53
C ALA C 66 -2.93 3.92 16.46
N GLY C 67 -3.07 2.78 15.80
CA GLY C 67 -4.36 2.12 15.75
C GLY C 67 -5.23 2.48 14.57
N TYR C 68 -4.70 3.23 13.60
CA TYR C 68 -5.46 3.58 12.40
C TYR C 68 -5.22 2.49 11.36
N LEU C 69 -6.19 1.58 11.22
CA LEU C 69 -6.01 0.38 10.43
C LEU C 69 -6.93 0.30 9.22
N LYS C 70 -7.82 1.28 9.03
CA LYS C 70 -8.71 1.31 7.87
C LYS C 70 -8.08 2.19 6.81
N ILE C 71 -7.24 1.59 5.97
CA ILE C 71 -6.39 2.31 5.02
C ILE C 71 -6.80 1.94 3.59
N GLY C 72 -6.98 2.96 2.75
CA GLY C 72 -7.14 2.74 1.33
C GLY C 72 -6.09 3.50 0.54
N LEU C 73 -5.40 2.82 -0.37
CA LEU C 73 -4.45 3.49 -1.25
C LEU C 73 -5.19 4.03 -2.46
N VAL C 74 -4.97 5.31 -2.80
CA VAL C 74 -5.62 5.94 -3.93
C VAL C 74 -4.59 6.15 -5.03
N GLY C 75 -4.92 5.70 -6.23
CA GLY C 75 -4.03 5.80 -7.38
C GLY C 75 -4.38 6.95 -8.30
#